data_4UQR
#
_entry.id   4UQR
#
_cell.length_a   80.606
_cell.length_b   94.820
_cell.length_c   62.892
_cell.angle_alpha   90.00
_cell.angle_beta   90.00
_cell.angle_gamma   90.00
#
_symmetry.space_group_name_H-M   'P 21 21 2'
#
loop_
_entity.id
_entity.type
_entity.pdbx_description
1 polymer 'NITRIC OXIDE SYNTHASE OXYGENASE'
2 non-polymer 'PROTOPORPHYRIN IX CONTAINING FE'
3 non-polymer 5,6,7,8-TETRAHYDROBIOPTERIN
4 non-polymer N-OMEGA-NITRO-L-ARGININE
5 non-polymer GLYCEROL
6 non-polymer DI(HYDROXYETHYL)ETHER
7 non-polymer N-PROPANOL
8 water water
#
_entity_poly.entity_id   1
_entity_poly.type   'polypeptide(L)'
_entity_poly.pdbx_seq_one_letter_code
;MEEKEILWNEAKAFIAACYQELGKAAEVKDRLADIKSEIDLTGSYVHTKEELEHGAKMAWRNSNRCIGRLFWNSLNVIDR
RDVRTKEEVRDALFHHIETATNNGKIRPTITIFPPEEKGEKQVEIWNHQLIRYAGYESDGERIGDPASCSLTAACEELGW
RGERTDFDLLPLIFRMKGDEQPVWYELPRSLVIEVPITHPDIEAFSDLELKWYGVPIISDMKLEVGGIHYNAAPFNGWYM
GTEIGARNLADEKRYDKLKKVASVIGIAADYNTDLWKDQALVELNKAVLHSYKKQGVSIVDHHTAASQFKRFEEQAEEAG
RKLTGDWTWLIPPISPAATHIFHRSYDNSIVKPNYFYQDKPYE
;
_entity_poly.pdbx_strand_id   A
#
# COMPACT_ATOMS: atom_id res chain seq x y z
N GLU A 2 -13.75 19.96 22.23
CA GLU A 2 -13.71 18.47 22.01
C GLU A 2 -12.55 18.04 21.08
N GLU A 3 -12.42 18.73 19.93
CA GLU A 3 -11.36 18.44 18.95
C GLU A 3 -9.95 18.64 19.52
N LYS A 4 -9.75 19.71 20.29
CA LYS A 4 -8.47 19.98 20.95
C LYS A 4 -8.17 18.91 21.99
N GLU A 5 -9.23 18.42 22.63
CA GLU A 5 -9.09 17.43 23.68
C GLU A 5 -8.78 16.07 23.06
N ILE A 6 -9.43 15.76 21.95
CA ILE A 6 -9.09 14.53 21.23
C ILE A 6 -7.59 14.58 20.88
N LEU A 7 -7.17 15.69 20.30
CA LEU A 7 -5.77 15.88 19.88
C LEU A 7 -4.84 15.73 21.05
N TRP A 8 -5.14 16.44 22.13
CA TRP A 8 -4.27 16.43 23.31
C TRP A 8 -4.17 15.03 23.91
N ASN A 9 -5.28 14.31 23.99
CA ASN A 9 -5.26 12.95 24.52
C ASN A 9 -4.48 11.96 23.67
N GLU A 10 -4.62 12.07 22.35
CA GLU A 10 -3.87 11.20 21.44
C GLU A 10 -2.40 11.57 21.56
N ALA A 11 -2.12 12.87 21.71
CA ALA A 11 -0.74 13.34 21.82
C ALA A 11 -0.04 12.79 23.04
N LYS A 12 -0.72 12.84 24.19
CA LYS A 12 -0.14 12.28 25.40
C LYS A 12 0.15 10.82 25.27
N ALA A 13 -0.79 10.07 24.69
CA ALA A 13 -0.63 8.63 24.58
C ALA A 13 0.56 8.33 23.69
N PHE A 14 0.62 9.00 22.54
CA PHE A 14 1.66 8.75 21.52
C PHE A 14 3.05 9.13 22.00
N ILE A 15 3.19 10.32 22.61
CA ILE A 15 4.50 10.78 23.03
C ILE A 15 5.09 9.90 24.14
N ALA A 16 4.25 9.47 25.09
CA ALA A 16 4.69 8.54 26.13
C ALA A 16 5.21 7.24 25.53
N ALA A 17 4.43 6.65 24.64
CA ALA A 17 4.80 5.37 24.05
C ALA A 17 6.03 5.51 23.19
N CYS A 18 6.06 6.54 22.35
CA CYS A 18 7.15 6.73 21.43
C CYS A 18 8.46 6.96 22.16
N TYR A 19 8.46 7.90 23.10
CA TYR A 19 9.68 8.22 23.85
C TYR A 19 10.13 7.04 24.70
N GLN A 20 9.16 6.28 25.22
CA GLN A 20 9.47 5.04 25.95
C GLN A 20 10.22 4.06 25.03
N GLU A 21 9.71 3.85 23.82
CA GLU A 21 10.40 2.99 22.86
C GLU A 21 11.75 3.54 22.44
N LEU A 22 11.90 4.86 22.35
CA LEU A 22 13.19 5.44 21.91
C LEU A 22 14.21 5.73 23.04
N GLY A 23 13.96 5.23 24.26
CA GLY A 23 14.87 5.42 25.39
C GLY A 23 14.87 6.85 25.94
N LYS A 24 13.82 7.61 25.64
CA LYS A 24 13.75 9.04 25.95
C LYS A 24 12.65 9.38 26.97
N ALA A 25 12.33 8.47 27.87
CA ALA A 25 11.21 8.65 28.80
C ALA A 25 11.34 9.92 29.66
N ALA A 26 12.56 10.34 29.98
CA ALA A 26 12.79 11.56 30.78
C ALA A 26 12.51 12.87 30.03
N GLU A 27 12.37 12.81 28.71
CA GLU A 27 12.06 14.01 27.94
C GLU A 27 10.55 14.23 27.78
N VAL A 28 9.76 13.28 28.25
CA VAL A 28 8.32 13.28 27.99
C VAL A 28 7.64 14.48 28.64
N LYS A 29 7.88 14.68 29.93
CA LYS A 29 7.16 15.74 30.63
C LYS A 29 7.30 17.08 29.94
N ASP A 30 8.53 17.49 29.67
CA ASP A 30 8.78 18.77 29.00
C ASP A 30 8.19 18.84 27.60
N ARG A 31 8.27 17.73 26.87
CA ARG A 31 7.77 17.76 25.50
C ARG A 31 6.24 17.89 25.53
N LEU A 32 5.62 17.19 26.45
CA LEU A 32 4.17 17.32 26.64
C LEU A 32 3.77 18.76 26.97
N ALA A 33 4.52 19.40 27.88
CA ALA A 33 4.24 20.80 28.24
C ALA A 33 4.37 21.67 27.00
N ASP A 34 5.46 21.52 26.26
CA ASP A 34 5.63 22.28 25.02
C ASP A 34 4.43 22.07 24.09
N ILE A 35 4.03 20.81 23.91
CA ILE A 35 2.92 20.49 23.01
C ILE A 35 1.62 21.12 23.51
N LYS A 36 1.40 21.09 24.83
CA LYS A 36 0.17 21.65 25.40
C LYS A 36 0.02 23.13 25.04
N SER A 37 1.09 23.91 25.19
CA SER A 37 1.07 25.33 24.86
C SER A 37 0.82 25.51 23.37
N GLU A 38 1.49 24.70 22.56
CA GLU A 38 1.39 24.83 21.12
C GLU A 38 -0.05 24.59 20.68
N ILE A 39 -0.72 23.59 21.29
CA ILE A 39 -2.12 23.33 20.94
C ILE A 39 -3.04 24.50 21.34
N ASP A 40 -2.96 24.93 22.60
CA ASP A 40 -3.68 26.13 23.08
C ASP A 40 -3.56 27.31 22.10
N LEU A 41 -2.32 27.64 21.75
CA LEU A 41 -2.03 28.82 20.98
C LEU A 41 -2.29 28.65 19.48
N THR A 42 -1.96 27.49 18.91
CA THR A 42 -2.06 27.31 17.45
C THR A 42 -3.24 26.45 16.96
N GLY A 43 -3.84 25.66 17.85
CA GLY A 43 -4.85 24.68 17.47
C GLY A 43 -4.27 23.31 17.13
N SER A 44 -2.95 23.20 17.03
CA SER A 44 -2.30 21.93 16.72
C SER A 44 -0.87 21.88 17.26
N TYR A 45 -0.11 20.88 16.78
CA TYR A 45 1.31 20.79 17.08
C TYR A 45 2.08 20.09 15.95
N VAL A 46 3.40 20.26 15.96
CA VAL A 46 4.27 19.81 14.90
C VAL A 46 5.18 18.72 15.45
N HIS A 47 5.20 17.55 14.79
CA HIS A 47 6.12 16.50 15.21
C HIS A 47 7.59 16.87 14.94
N THR A 48 8.46 16.38 15.81
CA THR A 48 9.88 16.36 15.55
C THR A 48 10.13 15.31 14.47
N LYS A 49 11.28 15.39 13.81
CA LYS A 49 11.62 14.42 12.77
C LYS A 49 11.58 12.99 13.34
N GLU A 50 12.14 12.83 14.55
CA GLU A 50 12.21 11.53 15.20
C GLU A 50 10.83 10.97 15.58
N GLU A 51 9.91 11.85 15.97
CA GLU A 51 8.56 11.45 16.29
C GLU A 51 7.86 10.98 15.01
N LEU A 52 8.04 11.73 13.94
CA LEU A 52 7.34 11.44 12.68
C LEU A 52 7.82 10.09 12.13
N GLU A 53 9.12 9.87 12.16
CA GLU A 53 9.70 8.63 11.65
C GLU A 53 9.22 7.45 12.48
N HIS A 54 9.34 7.54 13.81
CA HIS A 54 8.96 6.42 14.64
C HIS A 54 7.45 6.17 14.61
N GLY A 55 6.67 7.24 14.51
CA GLY A 55 5.22 7.15 14.35
C GLY A 55 4.78 6.42 13.08
N ALA A 56 5.48 6.65 11.98
CA ALA A 56 5.15 5.97 10.74
C ALA A 56 5.47 4.48 10.87
N LYS A 57 6.54 4.20 11.62
CA LYS A 57 6.98 2.85 11.85
C LYS A 57 5.99 2.14 12.78
N MET A 58 5.51 2.83 13.81
CA MET A 58 4.52 2.25 14.72
C MET A 58 3.22 1.95 13.98
N ALA A 59 2.88 2.85 13.07
CA ALA A 59 1.63 2.70 12.35
C ALA A 59 1.65 1.45 11.46
N TRP A 60 2.82 1.14 10.89
CA TRP A 60 2.94 -0.06 10.07
C TRP A 60 2.82 -1.28 11.02
N ARG A 61 3.57 -1.22 12.12
CA ARG A 61 3.54 -2.30 13.13
C ARG A 61 2.13 -2.59 13.63
N ASN A 62 1.26 -1.60 13.64
CA ASN A 62 -0.13 -1.73 14.14
C ASN A 62 -1.15 -2.11 13.07
N SER A 63 -0.68 -2.29 11.84
CA SER A 63 -1.57 -2.50 10.70
C SER A 63 -2.02 -3.96 10.67
N ASN A 64 -3.23 -4.18 11.15
CA ASN A 64 -3.75 -5.53 11.42
C ASN A 64 -3.85 -6.40 10.16
N ARG A 65 -4.03 -5.78 9.00
CA ARG A 65 -4.22 -6.53 7.76
C ARG A 65 -2.93 -6.91 7.02
N CYS A 66 -1.80 -6.46 7.54
CA CYS A 66 -0.48 -6.61 6.92
C CYS A 66 0.33 -7.79 7.49
N ILE A 67 0.62 -8.73 6.61
CA ILE A 67 1.45 -9.90 6.92
C ILE A 67 2.95 -9.56 6.95
N GLY A 68 3.29 -8.37 6.41
CA GLY A 68 4.68 -8.01 6.15
C GLY A 68 5.37 -7.26 7.29
N ARG A 69 4.73 -7.24 8.46
CA ARG A 69 5.13 -6.32 9.51
C ARG A 69 6.47 -6.64 10.22
N LEU A 70 7.07 -7.80 10.01
CA LEU A 70 8.37 -8.13 10.65
C LEU A 70 9.33 -6.97 10.46
N PHE A 71 9.28 -6.34 9.28
CA PHE A 71 10.27 -5.34 8.90
C PHE A 71 9.92 -3.88 9.18
N TRP A 72 8.96 -3.70 10.10
CA TRP A 72 8.44 -2.38 10.46
C TRP A 72 9.50 -1.35 10.82
N ASN A 73 10.55 -1.79 11.50
CA ASN A 73 11.54 -0.85 11.98
C ASN A 73 12.54 -0.40 10.90
N SER A 74 12.53 -1.03 9.71
CA SER A 74 13.44 -0.60 8.64
C SER A 74 12.82 0.31 7.59
N LEU A 75 11.59 0.75 7.85
CA LEU A 75 10.90 1.72 6.97
C LEU A 75 11.75 2.98 6.74
N ASN A 76 11.88 3.40 5.48
CA ASN A 76 12.61 4.65 5.15
C ASN A 76 11.58 5.76 5.12
N VAL A 77 11.64 6.67 6.09
CA VAL A 77 10.64 7.76 6.19
C VAL A 77 11.16 9.04 5.54
N ILE A 78 10.48 9.50 4.50
CA ILE A 78 10.86 10.74 3.82
C ILE A 78 9.93 11.84 4.27
N ASP A 79 10.52 12.85 4.92
CA ASP A 79 9.74 13.94 5.48
C ASP A 79 9.54 15.08 4.48
N ARG A 80 8.34 15.16 3.89
CA ARG A 80 8.05 16.22 2.92
C ARG A 80 6.96 17.19 3.40
N ARG A 81 7.01 17.52 4.69
CA ARG A 81 6.10 18.49 5.27
C ARG A 81 6.38 19.91 4.77
N ASP A 82 7.52 20.08 4.09
CA ASP A 82 7.93 21.38 3.56
C ASP A 82 7.28 21.71 2.22
N VAL A 83 6.59 20.77 1.55
CA VAL A 83 6.12 21.08 0.19
C VAL A 83 4.95 22.04 0.21
N ARG A 84 4.94 22.95 -0.75
CA ARG A 84 3.87 23.96 -0.89
C ARG A 84 3.27 24.03 -2.30
N THR A 85 3.92 23.45 -3.31
CA THR A 85 3.46 23.62 -4.69
C THR A 85 3.20 22.28 -5.35
N LYS A 86 2.42 22.33 -6.40
CA LYS A 86 2.11 21.09 -7.12
C LYS A 86 3.32 20.48 -7.83
N GLU A 87 4.24 21.31 -8.28
CA GLU A 87 5.47 20.82 -8.86
C GLU A 87 6.28 20.03 -7.81
N GLU A 88 6.35 20.54 -6.59
CA GLU A 88 7.08 19.88 -5.52
C GLU A 88 6.42 18.57 -5.11
N VAL A 89 5.08 18.52 -5.09
CA VAL A 89 4.36 17.27 -4.82
C VAL A 89 4.66 16.25 -5.90
N ARG A 90 4.52 16.67 -7.15
CA ARG A 90 4.80 15.82 -8.30
C ARG A 90 6.21 15.28 -8.20
N ASP A 91 7.18 16.13 -7.95
CA ASP A 91 8.54 15.67 -7.90
C ASP A 91 8.83 14.74 -6.73
N ALA A 92 8.21 15.01 -5.58
CA ALA A 92 8.28 14.10 -4.44
C ALA A 92 7.72 12.71 -4.76
N LEU A 93 6.63 12.66 -5.51
CA LEU A 93 6.05 11.38 -5.88
C LEU A 93 6.91 10.62 -6.89
N PHE A 94 7.46 11.34 -7.85
CA PHE A 94 8.43 10.74 -8.77
C PHE A 94 9.64 10.19 -8.00
N HIS A 95 10.17 10.98 -7.10
CA HIS A 95 11.31 10.58 -6.31
C HIS A 95 10.98 9.33 -5.44
N HIS A 96 9.79 9.31 -4.85
CA HIS A 96 9.35 8.13 -4.08
C HIS A 96 9.44 6.89 -4.96
N ILE A 97 8.82 6.92 -6.15
CA ILE A 97 8.89 5.79 -7.06
C ILE A 97 10.33 5.36 -7.31
N GLU A 98 11.19 6.32 -7.66
CA GLU A 98 12.57 6.00 -7.98
C GLU A 98 13.31 5.39 -6.78
N THR A 99 13.19 5.99 -5.60
CA THR A 99 14.00 5.54 -4.47
C THR A 99 13.46 4.24 -3.88
N ALA A 100 12.13 4.09 -3.91
CA ALA A 100 11.51 2.86 -3.46
C ALA A 100 11.85 1.70 -4.41
N THR A 101 11.84 1.96 -5.72
CA THR A 101 12.14 0.90 -6.70
C THR A 101 13.58 0.40 -6.57
N ASN A 102 14.50 1.35 -6.52
CA ASN A 102 15.90 1.05 -6.27
C ASN A 102 16.41 -0.01 -7.22
N ASN A 103 16.09 0.15 -8.51
CA ASN A 103 16.53 -0.81 -9.54
C ASN A 103 16.07 -2.25 -9.33
N GLY A 104 15.00 -2.40 -8.56
CA GLY A 104 14.37 -3.70 -8.35
C GLY A 104 14.57 -4.17 -6.92
N LYS A 105 15.64 -3.71 -6.24
CA LYS A 105 15.87 -4.11 -4.85
C LYS A 105 15.06 -3.20 -3.94
N ILE A 106 13.76 -3.49 -3.87
CA ILE A 106 12.78 -2.53 -3.34
C ILE A 106 13.07 -2.16 -1.90
N ARG A 107 12.96 -0.85 -1.62
CA ARG A 107 13.14 -0.30 -0.28
C ARG A 107 11.82 0.14 0.29
N PRO A 108 11.41 -0.44 1.43
CA PRO A 108 10.19 0.05 2.07
C PRO A 108 10.34 1.51 2.42
N THR A 109 9.42 2.34 1.90
CA THR A 109 9.51 3.79 1.94
C THR A 109 8.12 4.37 2.24
N ILE A 110 8.11 5.48 2.99
CA ILE A 110 6.93 6.35 3.02
C ILE A 110 7.33 7.81 2.84
N THR A 111 6.56 8.54 2.05
CA THR A 111 6.76 10.00 1.86
C THR A 111 5.59 10.69 2.56
N ILE A 112 5.91 11.54 3.53
CA ILE A 112 4.84 12.17 4.31
C ILE A 112 4.71 13.66 3.90
N PHE A 113 3.51 14.03 3.45
CA PHE A 113 3.22 15.40 3.02
C PHE A 113 2.61 16.16 4.21
N PRO A 114 2.36 17.48 4.05
CA PRO A 114 1.80 18.23 5.17
C PRO A 114 0.45 17.68 5.66
N PRO A 115 0.20 17.72 6.98
CA PRO A 115 -1.04 17.15 7.52
C PRO A 115 -2.24 18.08 7.36
N GLU A 116 -3.42 17.53 7.57
CA GLU A 116 -4.63 18.32 7.61
C GLU A 116 -4.47 19.36 8.73
N GLU A 117 -5.12 20.50 8.57
CA GLU A 117 -5.12 21.54 9.60
C GLU A 117 -6.46 21.55 10.37
N LYS A 118 -7.51 22.14 9.82
CA LYS A 118 -8.77 22.13 10.58
C LYS A 118 -9.62 20.99 10.02
N GLY A 119 -9.01 19.82 9.86
CA GLY A 119 -9.53 18.81 8.93
C GLY A 119 -9.41 19.24 7.47
N GLU A 120 -8.72 20.35 7.20
CA GLU A 120 -8.54 20.85 5.85
C GLU A 120 -7.26 20.25 5.26
N LYS A 121 -7.42 19.48 4.17
CA LYS A 121 -6.27 18.85 3.50
C LYS A 121 -5.37 19.85 2.76
N GLN A 122 -4.06 19.68 2.90
CA GLN A 122 -3.11 20.53 2.15
C GLN A 122 -2.86 19.97 0.74
N VAL A 123 -2.78 18.64 0.68
CA VAL A 123 -2.55 17.89 -0.56
C VAL A 123 -3.51 16.70 -0.49
N GLU A 124 -4.25 16.46 -1.58
CA GLU A 124 -5.23 15.37 -1.61
C GLU A 124 -4.90 14.50 -2.82
N ILE A 125 -4.44 13.28 -2.57
CA ILE A 125 -3.98 12.41 -3.65
C ILE A 125 -5.14 11.53 -4.04
N TRP A 126 -5.47 11.55 -5.32
CA TRP A 126 -6.61 10.78 -5.87
C TRP A 126 -6.24 9.32 -6.21
N ASN A 127 -4.98 9.07 -6.52
CA ASN A 127 -4.57 7.71 -6.91
C ASN A 127 -4.80 6.75 -5.75
N HIS A 128 -5.22 5.53 -6.08
CA HIS A 128 -5.23 4.48 -5.05
C HIS A 128 -3.80 3.99 -4.75
N GLN A 129 -3.04 3.71 -5.81
CA GLN A 129 -1.61 3.50 -5.73
C GLN A 129 -0.93 4.43 -6.73
N LEU A 130 0.34 4.78 -6.47
CA LEU A 130 1.01 5.68 -7.40
C LEU A 130 1.16 5.06 -8.80
N ILE A 131 1.39 3.74 -8.84
CA ILE A 131 1.43 2.99 -10.09
C ILE A 131 0.22 2.04 -10.10
N ARG A 132 -0.65 2.19 -11.10
CA ARG A 132 -1.85 1.40 -11.22
C ARG A 132 -2.34 1.44 -12.67
N TYR A 133 -2.97 0.37 -13.13
CA TYR A 133 -3.50 0.35 -14.49
C TYR A 133 -4.93 0.88 -14.61
N ALA A 134 -5.20 1.60 -15.70
CA ALA A 134 -6.53 2.11 -15.97
C ALA A 134 -7.51 0.99 -16.29
N GLY A 135 -8.80 1.28 -16.16
CA GLY A 135 -9.87 0.36 -16.54
C GLY A 135 -11.00 1.11 -17.22
N TYR A 136 -11.62 0.43 -18.18
CA TYR A 136 -12.67 0.99 -19.03
C TYR A 136 -13.79 -0.04 -19.16
N GLU A 137 -15.03 0.44 -19.21
CA GLU A 137 -16.22 -0.40 -19.49
C GLU A 137 -17.18 0.50 -20.24
N SER A 138 -17.41 0.17 -21.50
CA SER A 138 -18.32 0.91 -22.38
C SER A 138 -19.07 -0.12 -23.21
N ASP A 139 -20.35 0.12 -23.50
CA ASP A 139 -21.17 -0.81 -24.31
C ASP A 139 -20.73 -2.27 -24.14
N GLY A 140 -20.67 -2.74 -22.89
CA GLY A 140 -20.25 -4.11 -22.59
C GLY A 140 -18.77 -4.44 -22.74
N GLU A 141 -18.02 -3.58 -23.46
CA GLU A 141 -16.58 -3.80 -23.75
C GLU A 141 -15.72 -3.47 -22.53
N ARG A 142 -15.01 -4.47 -21.98
CA ARG A 142 -14.15 -4.30 -20.79
C ARG A 142 -12.64 -4.34 -21.13
N ILE A 143 -11.91 -3.31 -20.69
CA ILE A 143 -10.51 -3.16 -21.02
C ILE A 143 -9.80 -2.80 -19.72
N GLY A 144 -8.63 -3.39 -19.51
CA GLY A 144 -7.79 -3.04 -18.34
C GLY A 144 -8.33 -3.53 -16.99
N ASP A 145 -8.06 -2.73 -15.96
CA ASP A 145 -8.36 -3.12 -14.57
C ASP A 145 -9.69 -2.59 -14.15
N PRO A 146 -10.72 -3.46 -14.06
CA PRO A 146 -12.04 -2.94 -13.66
C PRO A 146 -12.04 -2.14 -12.35
N ALA A 147 -11.12 -2.41 -11.44
CA ALA A 147 -11.16 -1.72 -10.16
C ALA A 147 -10.77 -0.26 -10.33
N SER A 148 -10.17 0.06 -11.48
CA SER A 148 -9.75 1.43 -11.76
C SER A 148 -10.79 2.25 -12.54
N CYS A 149 -11.96 1.66 -12.84
CA CYS A 149 -12.87 2.33 -13.77
C CYS A 149 -13.24 3.70 -13.26
N SER A 150 -13.58 3.84 -11.99
CA SER A 150 -14.09 5.15 -11.53
C SER A 150 -13.00 6.23 -11.58
N LEU A 151 -11.78 5.87 -11.20
CA LEU A 151 -10.69 6.84 -11.22
C LEU A 151 -10.28 7.19 -12.65
N THR A 152 -10.26 6.17 -13.52
CA THR A 152 -10.01 6.37 -14.95
C THR A 152 -10.99 7.37 -15.57
N ALA A 153 -12.29 7.16 -15.32
CA ALA A 153 -13.30 8.10 -15.80
C ALA A 153 -13.09 9.53 -15.28
N ALA A 154 -12.72 9.65 -14.00
CA ALA A 154 -12.45 10.96 -13.40
C ALA A 154 -11.28 11.61 -14.11
N CYS A 155 -10.20 10.84 -14.33
CA CYS A 155 -9.06 11.36 -15.09
C CYS A 155 -9.44 11.83 -16.49
N GLU A 156 -10.26 11.03 -17.19
CA GLU A 156 -10.65 11.42 -18.54
C GLU A 156 -11.60 12.63 -18.57
N GLU A 157 -12.27 12.91 -17.46
CA GLU A 157 -13.01 14.19 -17.34
C GLU A 157 -12.08 15.37 -17.32
N LEU A 158 -10.84 15.15 -16.87
CA LEU A 158 -9.88 16.23 -16.70
C LEU A 158 -8.92 16.43 -17.85
N GLY A 159 -9.25 15.87 -19.00
CA GLY A 159 -8.42 15.99 -20.17
C GLY A 159 -7.41 14.87 -20.43
N TRP A 160 -7.26 13.91 -19.53
CA TRP A 160 -6.37 12.79 -19.83
C TRP A 160 -7.10 11.86 -20.80
N ARG A 161 -6.34 11.18 -21.65
CA ARG A 161 -6.92 10.12 -22.50
C ARG A 161 -6.01 8.90 -22.43
N GLY A 162 -6.59 7.76 -22.09
CA GLY A 162 -5.84 6.51 -22.13
C GLY A 162 -5.82 5.87 -23.50
N GLU A 163 -4.74 5.15 -23.81
CA GLU A 163 -4.61 4.41 -25.06
C GLU A 163 -5.51 3.21 -25.20
N ARG A 164 -6.14 2.81 -24.09
CA ARG A 164 -7.00 1.63 -24.04
C ARG A 164 -6.35 0.29 -24.41
N THR A 165 -5.13 0.17 -23.98
CA THR A 165 -4.44 -1.09 -23.72
C THR A 165 -5.03 -1.67 -22.40
N ASP A 166 -4.77 -2.95 -22.09
CA ASP A 166 -5.17 -3.52 -20.78
C ASP A 166 -4.24 -3.11 -19.61
N PHE A 167 -3.16 -2.40 -19.94
CA PHE A 167 -2.14 -1.99 -19.01
C PHE A 167 -1.74 -0.52 -19.19
N ASP A 168 -2.73 0.39 -19.33
CA ASP A 168 -2.42 1.84 -19.39
C ASP A 168 -2.01 2.31 -18.00
N LEU A 169 -0.85 2.95 -17.88
CA LEU A 169 -0.51 3.57 -16.58
C LEU A 169 -1.36 4.82 -16.33
N LEU A 170 -2.04 4.83 -15.21
CA LEU A 170 -2.77 6.04 -14.81
C LEU A 170 -1.77 7.14 -14.50
N PRO A 171 -2.16 8.38 -14.79
CA PRO A 171 -1.32 9.48 -14.40
C PRO A 171 -1.42 9.71 -12.90
N LEU A 172 -0.42 10.37 -12.34
CA LEU A 172 -0.56 10.88 -10.98
C LEU A 172 -1.64 11.96 -11.02
N ILE A 173 -2.52 11.96 -10.03
CA ILE A 173 -3.60 12.90 -9.98
C ILE A 173 -3.83 13.30 -8.52
N PHE A 174 -3.72 14.60 -8.26
CA PHE A 174 -3.86 15.11 -6.89
C PHE A 174 -4.30 16.56 -6.92
N ARG A 175 -4.90 17.01 -5.80
CA ARG A 175 -5.42 18.36 -5.66
C ARG A 175 -4.73 19.09 -4.53
N MET A 176 -4.45 20.37 -4.76
CA MET A 176 -3.85 21.24 -3.73
C MET A 176 -4.95 22.08 -3.06
N LYS A 177 -4.73 22.39 -1.81
CA LYS A 177 -5.59 23.27 -1.07
C LYS A 177 -5.70 24.58 -1.86
N GLY A 178 -6.93 25.02 -2.08
CA GLY A 178 -7.18 26.27 -2.74
C GLY A 178 -7.54 26.07 -4.20
N ASP A 179 -7.30 24.87 -4.73
CA ASP A 179 -7.67 24.57 -6.10
C ASP A 179 -8.97 23.81 -6.12
N GLU A 180 -9.84 24.15 -7.07
CA GLU A 180 -11.09 23.46 -7.20
C GLU A 180 -10.92 22.05 -7.82
N GLN A 181 -10.00 21.91 -8.77
CA GLN A 181 -9.77 20.68 -9.52
C GLN A 181 -8.40 20.08 -9.27
N PRO A 182 -8.28 18.74 -9.34
CA PRO A 182 -6.93 18.20 -9.28
C PRO A 182 -6.17 18.48 -10.57
N VAL A 183 -4.85 18.36 -10.52
CA VAL A 183 -3.99 18.30 -11.69
C VAL A 183 -3.55 16.85 -11.93
N TRP A 184 -3.12 16.55 -13.15
CA TRP A 184 -2.59 15.21 -13.43
C TRP A 184 -1.28 15.31 -14.21
N TYR A 185 -0.40 14.34 -14.03
CA TYR A 185 0.87 14.23 -14.72
C TYR A 185 1.11 12.81 -15.17
N GLU A 186 1.48 12.62 -16.42
CA GLU A 186 1.85 11.28 -16.88
C GLU A 186 3.07 10.81 -16.13
N LEU A 187 3.11 9.51 -15.81
CA LEU A 187 4.30 8.93 -15.25
C LEU A 187 5.34 8.72 -16.32
N PRO A 188 6.57 9.18 -16.10
CA PRO A 188 7.66 8.81 -17.01
C PRO A 188 7.89 7.29 -17.01
N ARG A 189 7.87 6.66 -18.18
CA ARG A 189 7.98 5.22 -18.25
C ARG A 189 9.32 4.71 -17.71
N SER A 190 10.35 5.54 -17.80
CA SER A 190 11.66 5.18 -17.24
C SER A 190 11.65 4.99 -15.72
N LEU A 191 10.68 5.58 -15.01
CA LEU A 191 10.53 5.39 -13.56
C LEU A 191 9.88 4.08 -13.17
N VAL A 192 9.11 3.51 -14.10
CA VAL A 192 8.19 2.38 -13.76
C VAL A 192 8.71 1.03 -14.20
N ILE A 193 9.14 0.18 -13.27
CA ILE A 193 9.52 -1.17 -13.64
C ILE A 193 8.26 -2.03 -13.78
N GLU A 194 8.21 -2.81 -14.85
CA GLU A 194 7.14 -3.76 -15.09
C GLU A 194 7.80 -5.10 -15.35
N VAL A 195 7.09 -6.15 -14.99
CA VAL A 195 7.57 -7.50 -15.12
C VAL A 195 6.65 -8.31 -16.05
N PRO A 196 7.18 -8.81 -17.20
CA PRO A 196 6.36 -9.71 -18.01
C PRO A 196 6.20 -11.07 -17.32
N ILE A 197 5.02 -11.67 -17.40
CA ILE A 197 4.80 -12.96 -16.72
C ILE A 197 5.07 -14.14 -17.63
N THR A 198 6.11 -14.89 -17.27
CA THR A 198 6.42 -16.15 -17.89
C THR A 198 6.40 -17.25 -16.81
N HIS A 199 6.39 -18.48 -17.28
CA HIS A 199 6.35 -19.66 -16.42
C HIS A 199 7.69 -20.39 -16.53
N PRO A 200 8.18 -20.98 -15.41
CA PRO A 200 9.47 -21.63 -15.47
C PRO A 200 9.57 -22.84 -16.42
N ASP A 201 8.46 -23.51 -16.73
CA ASP A 201 8.44 -24.75 -17.56
C ASP A 201 7.53 -24.71 -18.77
N ILE A 202 6.53 -23.83 -18.78
CA ILE A 202 5.49 -23.87 -19.80
C ILE A 202 5.69 -22.68 -20.71
N GLU A 203 6.27 -22.94 -21.89
CA GLU A 203 6.67 -21.86 -22.79
C GLU A 203 5.48 -21.03 -23.23
N ALA A 204 4.35 -21.68 -23.44
CA ALA A 204 3.20 -21.03 -24.01
C ALA A 204 2.61 -19.97 -23.06
N PHE A 205 3.03 -19.96 -21.79
CA PHE A 205 2.47 -19.02 -20.82
C PHE A 205 2.66 -17.58 -21.27
N SER A 206 3.75 -17.28 -21.98
CA SER A 206 3.94 -15.94 -22.55
C SER A 206 2.88 -15.53 -23.59
N ASP A 207 2.19 -16.51 -24.18
CA ASP A 207 1.12 -16.21 -25.16
C ASP A 207 0.01 -15.40 -24.54
N LEU A 208 -0.15 -15.48 -23.20
CA LEU A 208 -1.14 -14.66 -22.47
C LEU A 208 -0.81 -13.17 -22.40
N GLU A 209 0.45 -12.84 -22.62
CA GLU A 209 0.93 -11.45 -22.65
C GLU A 209 0.56 -10.71 -21.36
N LEU A 210 0.74 -11.39 -20.24
CA LEU A 210 0.45 -10.76 -18.94
C LEU A 210 1.72 -10.04 -18.48
N LYS A 211 1.51 -8.99 -17.71
CA LYS A 211 2.56 -8.31 -16.99
C LYS A 211 1.97 -7.66 -15.75
N TRP A 212 2.82 -7.17 -14.86
CA TRP A 212 2.37 -6.38 -13.71
C TRP A 212 3.48 -5.44 -13.32
N TYR A 213 3.17 -4.43 -12.50
CA TYR A 213 4.15 -3.45 -12.13
C TYR A 213 4.95 -3.88 -10.90
N GLY A 214 6.13 -3.33 -10.75
CA GLY A 214 7.04 -3.82 -9.72
C GLY A 214 6.65 -3.53 -8.30
N VAL A 215 6.16 -2.32 -8.07
CA VAL A 215 6.06 -1.78 -6.74
C VAL A 215 4.65 -1.32 -6.39
N PRO A 216 4.02 -1.89 -5.33
CA PRO A 216 2.73 -1.41 -4.91
C PRO A 216 2.90 -0.27 -3.94
N ILE A 217 2.32 0.89 -4.27
CA ILE A 217 2.54 2.12 -3.48
C ILE A 217 1.21 2.76 -3.08
N ILE A 218 0.59 2.24 -2.05
CA ILE A 218 -0.76 2.71 -1.65
C ILE A 218 -0.68 4.18 -1.28
N SER A 219 -1.51 4.99 -1.94
CA SER A 219 -1.37 6.44 -1.86
C SER A 219 -2.65 7.18 -1.44
N ASP A 220 -3.62 6.44 -0.92
CA ASP A 220 -4.88 7.04 -0.50
C ASP A 220 -5.32 6.70 0.93
N MET A 221 -4.39 6.24 1.77
CA MET A 221 -4.66 6.02 3.17
C MET A 221 -4.11 7.14 4.06
N LYS A 222 -4.82 7.38 5.15
CA LYS A 222 -4.44 8.39 6.13
C LYS A 222 -3.58 7.78 7.23
N LEU A 223 -2.39 8.35 7.41
CA LEU A 223 -1.52 8.01 8.53
C LEU A 223 -1.90 8.92 9.70
N GLU A 224 -2.29 8.32 10.80
CA GLU A 224 -2.62 9.08 12.00
C GLU A 224 -1.56 8.82 13.06
N VAL A 225 -0.95 9.90 13.55
CA VAL A 225 0.12 9.82 14.54
C VAL A 225 -0.13 10.86 15.63
N GLY A 226 -0.40 10.42 16.86
CA GLY A 226 -0.57 11.33 18.00
C GLY A 226 -1.58 12.43 17.74
N GLY A 227 -2.69 12.04 17.13
CA GLY A 227 -3.76 12.98 16.77
C GLY A 227 -3.60 13.84 15.54
N ILE A 228 -2.46 13.72 14.85
CA ILE A 228 -2.22 14.48 13.63
C ILE A 228 -2.61 13.59 12.44
N HIS A 229 -3.34 14.17 11.49
CA HIS A 229 -3.89 13.42 10.36
C HIS A 229 -3.11 13.69 9.10
N TYR A 230 -2.22 12.77 8.74
CA TYR A 230 -1.46 12.88 7.50
C TYR A 230 -2.23 12.13 6.40
N ASN A 231 -3.20 12.82 5.80
CA ASN A 231 -4.03 12.17 4.79
C ASN A 231 -3.24 11.79 3.54
N ALA A 232 -2.12 12.47 3.31
CA ALA A 232 -1.30 12.24 2.13
C ALA A 232 0.06 11.73 2.58
N ALA A 233 0.25 10.42 2.47
CA ALA A 233 1.44 9.75 2.98
C ALA A 233 1.63 8.40 2.28
N PRO A 234 1.96 8.45 0.98
CA PRO A 234 2.08 7.19 0.25
C PRO A 234 3.17 6.32 0.81
N PHE A 235 2.95 5.01 0.85
CA PHE A 235 3.91 4.06 1.38
C PHE A 235 4.03 2.86 0.46
N ASN A 236 5.10 2.11 0.65
CA ASN A 236 5.28 0.83 -0.04
C ASN A 236 6.22 -0.10 0.69
N GLY A 237 5.94 -1.38 0.48
CA GLY A 237 6.88 -2.46 0.59
C GLY A 237 7.14 -3.10 -0.78
N TRP A 238 7.21 -4.42 -0.78
CA TRP A 238 7.22 -5.24 -1.96
C TRP A 238 5.99 -6.17 -1.94
N TYR A 239 5.66 -6.72 -3.11
CA TYR A 239 4.46 -7.56 -3.24
C TYR A 239 4.68 -8.93 -2.56
N MET A 240 3.57 -9.48 -2.04
CA MET A 240 3.46 -10.93 -1.84
C MET A 240 2.83 -11.44 -3.12
N GLY A 241 3.38 -12.52 -3.67
CA GLY A 241 3.01 -12.96 -5.01
C GLY A 241 1.51 -13.24 -5.22
N THR A 242 0.84 -13.77 -4.18
CA THR A 242 -0.62 -14.00 -4.25
C THR A 242 -1.42 -12.77 -4.55
N GLU A 243 -0.94 -11.60 -4.15
CA GLU A 243 -1.69 -10.36 -4.42
C GLU A 243 -1.92 -10.19 -5.90
N ILE A 244 -0.91 -10.61 -6.69
CA ILE A 244 -0.94 -10.46 -8.13
C ILE A 244 -1.59 -11.72 -8.75
N GLY A 245 -1.09 -12.88 -8.37
CA GLY A 245 -1.45 -14.14 -9.02
C GLY A 245 -2.80 -14.72 -8.62
N ALA A 246 -3.21 -14.46 -7.39
CA ALA A 246 -4.45 -15.00 -6.84
C ALA A 246 -5.60 -14.00 -6.81
N ARG A 247 -5.32 -12.72 -7.04
CA ARG A 247 -6.33 -11.71 -6.90
C ARG A 247 -6.35 -10.79 -8.13
N ASN A 248 -5.28 -10.03 -8.35
CA ASN A 248 -5.29 -9.04 -9.44
C ASN A 248 -5.51 -9.69 -10.82
N LEU A 249 -4.81 -10.78 -11.08
CA LEU A 249 -4.95 -11.48 -12.35
C LEU A 249 -6.05 -12.54 -12.39
N ALA A 250 -6.55 -12.95 -11.24
CA ALA A 250 -7.48 -14.08 -11.13
C ALA A 250 -8.93 -13.72 -10.83
N ASP A 251 -9.16 -12.71 -9.99
CA ASP A 251 -10.53 -12.40 -9.62
C ASP A 251 -11.42 -12.16 -10.88
N GLU A 252 -12.63 -12.66 -10.83
CA GLU A 252 -13.56 -12.41 -11.98
C GLU A 252 -13.83 -10.92 -12.19
N LYS A 253 -13.81 -10.15 -11.10
CA LYS A 253 -13.98 -8.72 -11.17
C LYS A 253 -12.67 -7.91 -11.38
N ARG A 254 -11.56 -8.61 -11.62
CA ARG A 254 -10.30 -7.96 -11.97
C ARG A 254 -9.96 -8.49 -13.38
N TYR A 255 -8.74 -8.97 -13.61
CA TYR A 255 -8.33 -9.39 -14.94
C TYR A 255 -8.90 -10.73 -15.41
N ASP A 256 -9.38 -11.54 -14.46
CA ASP A 256 -10.19 -12.74 -14.78
C ASP A 256 -9.52 -13.72 -15.76
N LYS A 257 -8.28 -14.08 -15.45
CA LYS A 257 -7.46 -14.87 -16.36
C LYS A 257 -7.45 -16.38 -16.18
N LEU A 258 -8.19 -16.93 -15.22
CA LEU A 258 -8.03 -18.37 -14.94
C LEU A 258 -8.41 -19.30 -16.11
N LYS A 259 -9.46 -18.99 -16.87
CA LYS A 259 -9.79 -19.83 -18.00
C LYS A 259 -8.69 -19.81 -19.05
N LYS A 260 -8.14 -18.64 -19.35
CA LYS A 260 -7.02 -18.53 -20.28
C LYS A 260 -5.75 -19.22 -19.77
N VAL A 261 -5.54 -19.16 -18.46
CA VAL A 261 -4.44 -19.89 -17.86
C VAL A 261 -4.63 -21.41 -18.04
N ALA A 262 -5.85 -21.90 -17.75
CA ALA A 262 -6.15 -23.31 -17.90
C ALA A 262 -5.81 -23.75 -19.32
N SER A 263 -6.19 -22.95 -20.30
CA SER A 263 -6.02 -23.35 -21.67
C SER A 263 -4.54 -23.41 -22.01
N VAL A 264 -3.75 -22.43 -21.60
CA VAL A 264 -2.31 -22.49 -21.90
C VAL A 264 -1.54 -23.55 -21.16
N ILE A 265 -2.00 -23.96 -19.99
CA ILE A 265 -1.28 -25.02 -19.29
C ILE A 265 -1.78 -26.41 -19.69
N GLY A 266 -2.74 -26.46 -20.61
CA GLY A 266 -3.17 -27.71 -21.23
C GLY A 266 -4.15 -28.53 -20.42
N ILE A 267 -5.00 -27.87 -19.63
CA ILE A 267 -6.02 -28.58 -18.87
C ILE A 267 -7.40 -28.07 -19.25
N ALA A 268 -8.38 -28.96 -19.15
CA ALA A 268 -9.76 -28.61 -19.45
C ALA A 268 -10.32 -27.74 -18.31
N ALA A 269 -11.19 -26.79 -18.64
CA ALA A 269 -11.86 -25.94 -17.65
C ALA A 269 -13.37 -26.17 -17.69
N ASP A 270 -13.75 -27.44 -17.65
CA ASP A 270 -15.15 -27.85 -17.82
C ASP A 270 -15.83 -28.37 -16.54
N TYR A 271 -15.09 -29.00 -15.63
CA TYR A 271 -15.69 -29.67 -14.45
C TYR A 271 -15.12 -29.17 -13.15
N ASN A 272 -15.97 -28.78 -12.22
CA ASN A 272 -15.50 -28.30 -10.93
C ASN A 272 -14.64 -29.35 -10.24
N THR A 273 -14.99 -30.61 -10.41
CA THR A 273 -14.31 -31.70 -9.73
C THR A 273 -12.89 -31.91 -10.24
N ASP A 274 -12.53 -31.34 -11.40
CA ASP A 274 -11.15 -31.42 -11.89
C ASP A 274 -10.22 -30.43 -11.15
N LEU A 275 -10.83 -29.49 -10.39
CA LEU A 275 -10.12 -28.46 -9.67
C LEU A 275 -9.20 -27.67 -10.58
N TRP A 276 -9.70 -27.39 -11.77
CA TRP A 276 -8.92 -26.67 -12.75
C TRP A 276 -8.66 -25.22 -12.31
N LYS A 277 -9.58 -24.60 -11.57
CA LYS A 277 -9.31 -23.25 -11.08
C LYS A 277 -8.14 -23.26 -10.11
N ASP A 278 -8.16 -24.25 -9.23
CA ASP A 278 -7.08 -24.41 -8.22
C ASP A 278 -5.73 -24.63 -8.90
N GLN A 279 -5.69 -25.53 -9.88
CA GLN A 279 -4.48 -25.83 -10.61
C GLN A 279 -3.96 -24.62 -11.39
N ALA A 280 -4.87 -23.94 -12.08
CA ALA A 280 -4.53 -22.70 -12.77
C ALA A 280 -3.98 -21.64 -11.81
N LEU A 281 -4.62 -21.52 -10.64
CA LEU A 281 -4.12 -20.56 -9.63
C LEU A 281 -2.69 -20.89 -9.22
N VAL A 282 -2.37 -22.18 -8.99
CA VAL A 282 -1.05 -22.54 -8.55
C VAL A 282 -0.03 -22.20 -9.67
N GLU A 283 -0.35 -22.54 -10.90
CA GLU A 283 0.63 -22.29 -11.98
C GLU A 283 0.80 -20.79 -12.24
N LEU A 284 -0.29 -20.03 -12.16
CA LEU A 284 -0.19 -18.57 -12.33
C LEU A 284 0.63 -17.95 -11.23
N ASN A 285 0.47 -18.46 -10.01
CA ASN A 285 1.22 -17.90 -8.88
C ASN A 285 2.71 -18.29 -8.90
N LYS A 286 3.00 -19.49 -9.42
CA LYS A 286 4.38 -19.90 -9.68
C LYS A 286 5.02 -18.97 -10.72
N ALA A 287 4.26 -18.65 -11.75
CA ALA A 287 4.77 -17.81 -12.87
C ALA A 287 5.10 -16.43 -12.37
N VAL A 288 4.25 -15.89 -11.49
CA VAL A 288 4.47 -14.55 -10.94
C VAL A 288 5.77 -14.49 -10.15
N LEU A 289 5.97 -15.44 -9.26
CA LEU A 289 7.18 -15.44 -8.43
C LEU A 289 8.42 -15.63 -9.32
N HIS A 290 8.36 -16.58 -10.23
CA HIS A 290 9.45 -16.87 -11.15
C HIS A 290 9.85 -15.60 -11.92
N SER A 291 8.82 -14.89 -12.37
CA SER A 291 9.04 -13.75 -13.28
C SER A 291 9.74 -12.58 -12.59
N TYR A 292 9.26 -12.25 -11.39
CA TYR A 292 9.82 -11.18 -10.58
C TYR A 292 11.27 -11.52 -10.18
N LYS A 293 11.49 -12.75 -9.72
CA LYS A 293 12.83 -13.21 -9.40
C LYS A 293 13.74 -13.13 -10.61
N LYS A 294 13.27 -13.60 -11.75
CA LYS A 294 14.10 -13.61 -12.92
C LYS A 294 14.53 -12.20 -13.28
N GLN A 295 13.64 -11.24 -13.07
CA GLN A 295 13.92 -9.87 -13.41
C GLN A 295 14.67 -9.06 -12.33
N GLY A 296 14.93 -9.66 -11.18
CA GLY A 296 15.59 -8.98 -10.08
C GLY A 296 14.74 -7.92 -9.41
N VAL A 297 13.44 -8.18 -9.33
CA VAL A 297 12.53 -7.34 -8.61
C VAL A 297 12.03 -8.10 -7.36
N SER A 298 12.16 -7.46 -6.22
CA SER A 298 11.80 -8.07 -4.95
C SER A 298 10.34 -8.52 -4.90
N ILE A 299 10.09 -9.66 -4.26
CA ILE A 299 8.75 -10.24 -4.10
C ILE A 299 8.93 -11.30 -3.00
N VAL A 300 7.86 -11.64 -2.30
CA VAL A 300 7.85 -12.71 -1.33
C VAL A 300 6.71 -13.65 -1.65
N ASP A 301 6.96 -14.96 -1.49
CA ASP A 301 5.90 -15.96 -1.55
C ASP A 301 5.16 -16.04 -0.19
N HIS A 302 3.95 -16.61 -0.21
CA HIS A 302 3.12 -16.55 0.97
C HIS A 302 3.62 -17.46 2.14
N HIS A 303 4.37 -18.49 1.82
CA HIS A 303 4.95 -19.40 2.83
C HIS A 303 6.02 -18.68 3.58
N THR A 304 6.96 -18.06 2.84
CA THR A 304 8.02 -17.27 3.45
C THR A 304 7.44 -16.12 4.22
N ALA A 305 6.45 -15.42 3.64
CA ALA A 305 5.84 -14.28 4.33
C ALA A 305 5.18 -14.65 5.64
N ALA A 306 4.48 -15.80 5.65
CA ALA A 306 3.92 -16.32 6.91
C ALA A 306 4.95 -16.67 7.94
N SER A 307 6.07 -17.25 7.50
CA SER A 307 7.21 -17.55 8.42
C SER A 307 7.78 -16.30 9.02
N GLN A 308 7.92 -15.25 8.22
CA GLN A 308 8.39 -13.98 8.73
C GLN A 308 7.37 -13.43 9.73
N PHE A 309 6.07 -13.56 9.43
CA PHE A 309 5.06 -13.05 10.31
C PHE A 309 5.03 -13.76 11.65
N LYS A 310 5.33 -15.06 11.64
CA LYS A 310 5.50 -15.83 12.86
C LYS A 310 6.61 -15.20 13.69
N ARG A 311 7.69 -14.79 13.05
CA ARG A 311 8.79 -14.15 13.79
C ARG A 311 8.33 -12.81 14.35
N PHE A 312 7.49 -12.08 13.61
CA PHE A 312 6.91 -10.84 14.12
C PHE A 312 6.09 -11.08 15.40
N GLU A 313 5.27 -12.13 15.40
CA GLU A 313 4.49 -12.50 16.61
C GLU A 313 5.42 -12.74 17.81
N GLU A 314 6.47 -13.51 17.57
CA GLU A 314 7.46 -13.84 18.61
C GLU A 314 8.14 -12.57 19.13
N GLN A 315 8.54 -11.69 18.20
CA GLN A 315 9.21 -10.46 18.55
C GLN A 315 8.30 -9.56 19.38
N ALA A 316 7.00 -9.55 19.07
CA ALA A 316 6.04 -8.74 19.84
C ALA A 316 5.98 -9.23 21.28
N GLU A 317 5.81 -10.53 21.45
CA GLU A 317 5.73 -11.12 22.77
C GLU A 317 7.02 -10.88 23.59
N GLU A 318 8.17 -11.09 22.97
CA GLU A 318 9.46 -10.81 23.59
C GLU A 318 9.61 -9.35 24.05
N ALA A 319 9.08 -8.41 23.26
CA ALA A 319 9.15 -6.99 23.57
C ALA A 319 8.07 -6.56 24.57
N GLY A 320 7.19 -7.48 24.93
CA GLY A 320 6.09 -7.21 25.84
C GLY A 320 4.98 -6.41 25.19
N ARG A 321 4.86 -6.48 23.86
CA ARG A 321 3.79 -5.77 23.17
C ARG A 321 2.65 -6.71 22.76
N LYS A 322 1.43 -6.23 22.95
CA LYS A 322 0.26 -6.89 22.44
C LYS A 322 0.36 -7.03 20.91
N LEU A 323 -0.07 -8.18 20.40
CA LEU A 323 -0.24 -8.40 18.97
C LEU A 323 -1.67 -8.15 18.56
N THR A 324 -1.88 -7.38 17.50
CA THR A 324 -3.16 -7.29 16.87
C THR A 324 -3.09 -7.75 15.40
N GLY A 325 -4.20 -8.25 14.89
CA GLY A 325 -4.25 -8.81 13.55
C GLY A 325 -5.69 -9.05 13.11
N ASP A 326 -5.90 -8.99 11.81
CA ASP A 326 -7.15 -9.35 11.16
C ASP A 326 -6.95 -10.67 10.42
N TRP A 327 -7.37 -11.77 11.06
CA TRP A 327 -7.20 -13.13 10.54
C TRP A 327 -7.67 -13.24 9.12
N THR A 328 -8.79 -12.55 8.81
CA THR A 328 -9.44 -12.68 7.51
C THR A 328 -8.62 -12.07 6.35
N TRP A 329 -7.71 -11.17 6.66
CA TRP A 329 -6.78 -10.57 5.67
C TRP A 329 -5.39 -11.18 5.74
N LEU A 330 -5.00 -11.71 6.89
CA LEU A 330 -3.66 -12.27 7.07
C LEU A 330 -3.52 -13.62 6.38
N ILE A 331 -4.56 -14.43 6.39
CA ILE A 331 -4.48 -15.72 5.68
C ILE A 331 -4.26 -15.43 4.18
N PRO A 332 -3.32 -16.14 3.53
CA PRO A 332 -3.19 -15.99 2.09
C PRO A 332 -4.37 -16.60 1.34
N PRO A 333 -4.63 -16.12 0.14
CA PRO A 333 -5.79 -16.59 -0.60
C PRO A 333 -5.51 -17.90 -1.33
N ILE A 334 -4.29 -18.43 -1.24
CA ILE A 334 -4.09 -19.79 -1.66
C ILE A 334 -3.38 -20.60 -0.57
N SER A 335 -3.78 -21.87 -0.49
CA SER A 335 -3.32 -22.76 0.59
C SER A 335 -3.19 -22.12 1.98
N PRO A 336 -4.25 -21.44 2.47
CA PRO A 336 -4.13 -20.76 3.75
C PRO A 336 -3.86 -21.71 4.91
N ALA A 337 -4.41 -22.92 4.84
CA ALA A 337 -4.21 -23.87 5.92
C ALA A 337 -2.83 -24.48 5.95
N ALA A 338 -2.01 -24.24 4.92
CA ALA A 338 -0.58 -24.59 4.96
C ALA A 338 0.28 -23.57 5.72
N THR A 339 -0.35 -22.50 6.20
CA THR A 339 0.34 -21.51 7.04
C THR A 339 -0.12 -21.62 8.48
N HIS A 340 0.77 -21.23 9.41
CA HIS A 340 0.42 -21.22 10.81
C HIS A 340 -0.71 -20.23 11.14
N ILE A 341 -0.86 -19.16 10.35
CA ILE A 341 -1.84 -18.10 10.61
C ILE A 341 -3.27 -18.68 10.68
N PHE A 342 -3.54 -19.59 9.78
CA PHE A 342 -4.88 -20.16 9.65
C PHE A 342 -5.27 -20.89 10.95
N HIS A 343 -4.28 -21.40 11.67
CA HIS A 343 -4.52 -22.26 12.85
C HIS A 343 -4.54 -21.55 14.21
N ARG A 344 -4.47 -20.23 14.21
CA ARG A 344 -4.57 -19.48 15.43
C ARG A 344 -5.51 -18.31 15.23
N SER A 345 -5.82 -17.60 16.30
CA SER A 345 -6.67 -16.42 16.22
C SER A 345 -5.88 -15.13 16.52
N TYR A 346 -6.45 -14.00 16.14
CA TYR A 346 -5.84 -12.71 16.38
C TYR A 346 -6.85 -11.70 16.93
N ASP A 347 -6.38 -10.87 17.84
CA ASP A 347 -7.16 -9.75 18.35
C ASP A 347 -7.20 -8.63 17.31
N ASN A 348 -8.37 -8.34 16.77
CA ASN A 348 -8.50 -7.32 15.73
C ASN A 348 -8.74 -5.88 16.23
N SER A 349 -8.23 -5.54 17.41
CA SER A 349 -8.41 -4.21 17.96
C SER A 349 -7.55 -3.20 17.20
N ILE A 350 -8.04 -1.98 17.14
CA ILE A 350 -7.34 -0.88 16.50
C ILE A 350 -6.46 -0.16 17.53
N VAL A 351 -5.16 -0.16 17.29
CA VAL A 351 -4.17 0.56 18.08
C VAL A 351 -3.59 1.65 17.16
N LYS A 352 -3.41 2.87 17.69
CA LYS A 352 -2.75 3.95 16.96
C LYS A 352 -1.34 4.21 17.48
N PRO A 353 -0.45 4.76 16.64
CA PRO A 353 -0.58 5.19 15.25
C PRO A 353 -1.01 4.07 14.32
N ASN A 354 -1.66 4.43 13.21
CA ASN A 354 -2.10 3.47 12.22
C ASN A 354 -2.41 4.15 10.90
N TYR A 355 -2.66 3.34 9.86
CA TYR A 355 -3.09 3.74 8.53
C TYR A 355 -4.57 3.42 8.39
N PHE A 356 -5.34 4.40 7.88
CA PHE A 356 -6.82 4.25 7.78
C PHE A 356 -7.33 4.55 6.39
N TYR A 357 -8.44 3.93 6.03
CA TYR A 357 -9.16 4.29 4.81
C TYR A 357 -9.72 5.72 4.90
N GLN A 358 -9.90 6.36 3.77
CA GLN A 358 -10.63 7.62 3.73
C GLN A 358 -11.48 7.65 2.50
N ASP A 359 -12.50 8.50 2.53
CA ASP A 359 -13.45 8.61 1.41
C ASP A 359 -12.75 9.05 0.11
N LYS A 360 -13.20 8.52 -1.01
CA LYS A 360 -12.59 8.82 -2.30
C LYS A 360 -13.22 10.10 -2.87
N PRO A 361 -12.39 11.10 -3.25
CA PRO A 361 -12.97 12.34 -3.79
C PRO A 361 -13.64 12.21 -5.16
N TYR A 362 -13.33 11.18 -5.91
CA TYR A 362 -14.05 10.82 -7.13
C TYR A 362 -15.10 9.83 -6.57
N GLU A 363 -16.03 9.32 -7.35
CA GLU A 363 -17.12 8.54 -6.73
C GLU A 363 -18.07 9.39 -5.82
#